data_2X1Q
#
_entry.id   2X1Q
#
_cell.length_a   35.908
_cell.length_b   63.425
_cell.length_c   50.010
_cell.angle_alpha   90.00
_cell.angle_beta   90.36
_cell.angle_gamma   90.00
#
_symmetry.space_group_name_H-M   'P 1 21 1'
#
loop_
_entity.id
_entity.type
_entity.pdbx_description
1 polymer 'GELSOLIN NANOBODY'
2 water water
#
_entity_poly.entity_id   1
_entity_poly.type   'polypeptide(L)'
_entity_poly.pdbx_seq_one_letter_code
;QVQLQESGGGLVQPGGSLRLSCAASGRTFSNYRMGWFRQAPGKEREFVATISQSGAATAYADSVKGRFTFSRDNAKNLLY
LEMLSLEPEDTAVYYCAASSRVFYTEVLQTTTGYDYWGQGTQVTVSS
;
_entity_poly.pdbx_strand_id   A,B
#
# COMPACT_ATOMS: atom_id res chain seq x y z
N GLN A 3 -17.09 2.05 -17.58
CA GLN A 3 -18.45 1.70 -17.08
C GLN A 3 -18.28 0.59 -16.04
N LEU A 4 -18.86 0.77 -14.86
CA LEU A 4 -18.66 -0.17 -13.75
C LEU A 4 -19.97 -0.77 -13.29
N GLN A 5 -19.95 -2.08 -13.05
CA GLN A 5 -21.11 -2.77 -12.50
C GLN A 5 -20.69 -3.83 -11.50
N GLU A 6 -21.20 -3.70 -10.28
CA GLU A 6 -20.92 -4.63 -9.20
C GLU A 6 -21.85 -5.84 -9.25
N SER A 7 -21.38 -6.95 -8.71
CA SER A 7 -22.20 -8.13 -8.50
C SER A 7 -21.63 -8.96 -7.35
N GLY A 8 -22.34 -10.03 -6.99
CA GLY A 8 -21.89 -10.95 -5.96
C GLY A 8 -22.40 -10.66 -4.57
N GLY A 9 -23.23 -9.61 -4.43
CA GLY A 9 -23.84 -9.30 -3.15
C GLY A 9 -24.86 -10.34 -2.77
N GLY A 10 -25.35 -10.26 -1.54
CA GLY A 10 -26.36 -11.19 -1.08
C GLY A 10 -26.48 -11.14 0.43
N LEU A 11 -27.14 -12.14 0.95
CA LEU A 11 -27.44 -12.26 2.36
C LEU A 11 -26.64 -13.43 2.95
N VAL A 12 -25.91 -13.16 4.02
CA VAL A 12 -25.19 -14.21 4.74
C VAL A 12 -25.40 -14.05 6.24
N GLN A 13 -25.18 -15.12 6.98
CA GLN A 13 -25.17 -15.05 8.43
C GLN A 13 -23.80 -14.61 8.92
N PRO A 14 -23.72 -14.11 10.17
CA PRO A 14 -22.41 -13.75 10.72
C PRO A 14 -21.44 -14.92 10.64
N GLY A 15 -20.22 -14.62 10.25
CA GLY A 15 -19.18 -15.62 10.05
C GLY A 15 -19.10 -16.11 8.61
N GLY A 16 -20.09 -15.73 7.80
CA GLY A 16 -20.11 -16.10 6.39
C GLY A 16 -19.17 -15.27 5.54
N SER A 17 -19.18 -15.56 4.24
CA SER A 17 -18.30 -14.88 3.30
C SER A 17 -19.03 -14.60 2.00
N LEU A 18 -18.52 -13.62 1.26
CA LEU A 18 -19.00 -13.30 -0.07
C LEU A 18 -17.81 -13.01 -0.95
N ARG A 19 -18.05 -13.10 -2.25
CA ARG A 19 -17.04 -12.77 -3.23
C ARG A 19 -17.68 -11.79 -4.22
N LEU A 20 -17.39 -10.50 -4.04
CA LEU A 20 -17.93 -9.48 -4.93
C LEU A 20 -17.07 -9.40 -6.17
N SER A 21 -17.69 -8.95 -7.26
CA SER A 21 -16.92 -8.60 -8.42
C SER A 21 -17.38 -7.27 -8.99
N CYS A 22 -16.53 -6.68 -9.80
CA CYS A 22 -16.85 -5.46 -10.50
C CYS A 22 -16.40 -5.64 -11.94
N ALA A 23 -17.33 -5.44 -12.86
CA ALA A 23 -17.06 -5.54 -14.28
C ALA A 23 -16.86 -4.14 -14.83
N SER A 30 -7.04 -0.66 -17.48
CA SER A 30 -5.72 -0.88 -16.90
C SER A 30 -5.03 0.44 -16.50
N ASN A 31 -5.56 1.56 -17.00
CA ASN A 31 -5.03 2.90 -16.66
C ASN A 31 -5.55 3.43 -15.33
N TYR A 32 -6.59 2.79 -14.79
CA TYR A 32 -7.23 3.28 -13.57
C TYR A 32 -6.84 2.46 -12.34
N ARG A 33 -6.52 3.17 -11.26
CA ARG A 33 -6.57 2.55 -9.93
C ARG A 33 -8.04 2.28 -9.63
N MET A 34 -8.30 1.23 -8.86
CA MET A 34 -9.68 0.89 -8.53
C MET A 34 -9.88 0.88 -7.01
N GLY A 35 -11.13 1.06 -6.61
CA GLY A 35 -11.49 1.11 -5.21
C GLY A 35 -12.82 0.44 -4.94
N TRP A 36 -12.97 -0.01 -3.70
CA TRP A 36 -14.26 -0.38 -3.14
C TRP A 36 -14.59 0.58 -2.02
N PHE A 37 -15.85 0.98 -1.98
CA PHE A 37 -16.44 1.75 -0.90
C PHE A 37 -17.71 1.06 -0.45
N ARG A 38 -18.24 1.45 0.70
CA ARG A 38 -19.51 0.93 1.15
C ARG A 38 -20.29 2.02 1.86
N GLN A 39 -21.62 1.96 1.73
CA GLN A 39 -22.47 2.93 2.41
C GLN A 39 -23.53 2.19 3.20
N ALA A 40 -23.41 2.30 4.51
CA ALA A 40 -24.32 1.68 5.46
C ALA A 40 -25.42 2.69 5.84
N PRO A 41 -26.57 2.19 6.32
CA PRO A 41 -27.63 3.09 6.79
C PRO A 41 -27.13 4.08 7.84
N GLY A 42 -27.45 5.36 7.66
CA GLY A 42 -27.11 6.41 8.62
C GLY A 42 -25.62 6.65 8.83
N LYS A 43 -24.83 6.39 7.80
CA LYS A 43 -23.39 6.55 7.89
C LYS A 43 -22.88 7.07 6.54
N GLU A 44 -21.82 7.88 6.59
CA GLU A 44 -21.20 8.38 5.37
C GLU A 44 -20.56 7.24 4.58
N ARG A 45 -20.50 7.41 3.26
CA ARG A 45 -19.82 6.44 2.41
C ARG A 45 -18.39 6.24 2.90
N GLU A 46 -18.02 4.97 3.08
CA GLU A 46 -16.78 4.60 3.74
C GLU A 46 -15.85 3.88 2.77
N PHE A 47 -14.56 4.25 2.81
CA PHE A 47 -13.53 3.55 2.08
C PHE A 47 -13.41 2.10 2.57
N VAL A 48 -13.25 1.17 1.62
CA VAL A 48 -13.02 -0.24 1.92
C VAL A 48 -11.62 -0.68 1.48
N ALA A 49 -11.28 -0.47 0.22
CA ALA A 49 -10.00 -0.94 -0.32
C ALA A 49 -9.65 -0.24 -1.62
N THR A 50 -8.36 -0.17 -1.91
CA THR A 50 -7.87 0.37 -3.18
C THR A 50 -6.82 -0.56 -3.74
N ILE A 51 -6.64 -0.51 -5.05
CA ILE A 51 -5.69 -1.36 -5.76
C ILE A 51 -5.04 -0.56 -6.88
N SER A 52 -3.74 -0.81 -7.07
CA SER A 52 -2.97 -0.15 -8.10
C SER A 52 -3.41 -0.63 -9.49
N GLN A 53 -2.99 0.12 -10.51
CA GLN A 53 -3.27 -0.19 -11.90
C GLN A 53 -2.85 -1.62 -12.26
N SER A 54 -1.65 -2.02 -11.83
CA SER A 54 -1.12 -3.33 -12.18
C SER A 54 -1.77 -4.45 -11.37
N GLY A 55 -2.39 -4.09 -10.24
CA GLY A 55 -3.02 -5.05 -9.35
C GLY A 55 -2.11 -5.61 -8.27
N ALA A 56 -0.86 -5.18 -8.24
CA ALA A 56 0.14 -5.76 -7.33
C ALA A 56 0.14 -5.15 -5.94
N ALA A 57 -0.54 -4.02 -5.77
CA ALA A 57 -0.49 -3.30 -4.50
C ALA A 57 -1.88 -2.89 -4.05
N THR A 58 -2.19 -3.13 -2.79
CA THR A 58 -3.48 -2.83 -2.22
C THR A 58 -3.32 -2.05 -0.93
N ALA A 59 -4.38 -1.35 -0.54
CA ALA A 59 -4.50 -0.80 0.80
C ALA A 59 -5.94 -0.99 1.25
N TYR A 60 -6.11 -1.28 2.53
CA TYR A 60 -7.41 -1.61 3.11
C TYR A 60 -7.75 -0.68 4.25
N ALA A 61 -9.03 -0.35 4.36
CA ALA A 61 -9.54 0.30 5.55
C ALA A 61 -9.28 -0.60 6.75
N ASP A 62 -8.96 0.01 7.88
CA ASP A 62 -8.74 -0.77 9.10
C ASP A 62 -9.94 -1.65 9.46
N SER A 63 -11.14 -1.17 9.16
CA SER A 63 -12.37 -1.89 9.48
C SER A 63 -12.51 -3.25 8.78
N VAL A 64 -11.73 -3.47 7.73
CA VAL A 64 -11.81 -4.71 6.95
C VAL A 64 -10.46 -5.42 6.77
N LYS A 65 -9.36 -4.73 7.09
CA LYS A 65 -8.05 -5.31 6.90
C LYS A 65 -7.92 -6.61 7.69
N GLY A 66 -7.37 -7.63 7.05
CA GLY A 66 -7.24 -8.95 7.65
C GLY A 66 -8.38 -9.90 7.30
N ARG A 67 -9.49 -9.35 6.80
CA ARG A 67 -10.63 -10.16 6.37
C ARG A 67 -10.94 -10.09 4.88
N PHE A 68 -10.60 -8.97 4.24
CA PHE A 68 -10.94 -8.75 2.83
C PHE A 68 -9.69 -8.83 1.96
N THR A 69 -9.88 -9.29 0.73
CA THR A 69 -8.80 -9.36 -0.25
C THR A 69 -9.27 -8.85 -1.61
N PHE A 70 -8.62 -7.80 -2.08
CA PHE A 70 -8.97 -7.11 -3.32
C PHE A 70 -7.96 -7.54 -4.38
N SER A 71 -8.45 -8.02 -5.51
CA SER A 71 -7.60 -8.37 -6.63
C SER A 71 -8.21 -7.88 -7.95
N ARG A 72 -7.40 -7.81 -9.01
CA ARG A 72 -7.91 -7.49 -10.34
C ARG A 72 -7.33 -8.41 -11.40
N ASP A 73 -8.06 -8.53 -12.50
CA ASP A 73 -7.59 -9.23 -13.68
C ASP A 73 -7.76 -8.27 -14.86
N ASN A 74 -6.67 -7.62 -15.24
CA ASN A 74 -6.73 -6.62 -16.29
C ASN A 74 -7.16 -7.18 -17.66
N ALA A 75 -6.71 -8.39 -17.98
CA ALA A 75 -7.04 -9.02 -19.26
C ALA A 75 -8.56 -9.23 -19.41
N LYS A 76 -9.24 -9.40 -18.29
CA LYS A 76 -10.67 -9.69 -18.26
C LYS A 76 -11.55 -8.51 -17.84
N ASN A 77 -10.91 -7.36 -17.57
CA ASN A 77 -11.64 -6.17 -17.11
C ASN A 77 -12.49 -6.46 -15.87
N LEU A 78 -11.92 -7.22 -14.93
CA LEU A 78 -12.62 -7.63 -13.73
C LEU A 78 -11.85 -7.31 -12.45
N LEU A 79 -12.61 -7.00 -11.42
CA LEU A 79 -12.11 -6.88 -10.05
C LEU A 79 -12.84 -7.86 -9.18
N TYR A 80 -12.17 -8.27 -8.09
CA TYR A 80 -12.75 -9.18 -7.12
C TYR A 80 -12.50 -8.69 -5.70
N LEU A 81 -13.48 -8.86 -4.83
CA LEU A 81 -13.32 -8.57 -3.41
C LEU A 81 -13.81 -9.77 -2.60
N GLU A 82 -12.87 -10.54 -2.05
CA GLU A 82 -13.18 -11.65 -1.16
C GLU A 82 -13.43 -11.06 0.23
N MET A 83 -14.56 -11.41 0.84
CA MET A 83 -14.97 -10.84 2.11
C MET A 83 -15.23 -11.98 3.08
N LEU A 84 -14.31 -12.17 4.04
CA LEU A 84 -14.40 -13.28 4.99
C LEU A 84 -14.86 -12.82 6.36
N SER A 85 -15.37 -13.78 7.14
CA SER A 85 -15.70 -13.54 8.54
C SER A 85 -16.59 -12.32 8.71
N LEU A 86 -17.66 -12.28 7.94
CA LEU A 86 -18.54 -11.12 7.92
C LEU A 86 -19.34 -10.98 9.20
N GLU A 87 -19.61 -9.74 9.57
CA GLU A 87 -20.39 -9.42 10.75
C GLU A 87 -21.49 -8.42 10.40
N PRO A 88 -22.51 -8.31 11.27
CA PRO A 88 -23.65 -7.44 10.97
C PRO A 88 -23.25 -6.04 10.49
N GLU A 89 -22.20 -5.46 11.09
CA GLU A 89 -21.78 -4.09 10.74
C GLU A 89 -21.18 -3.96 9.33
N ASP A 90 -20.94 -5.09 8.66
CA ASP A 90 -20.48 -5.08 7.27
C ASP A 90 -21.63 -4.91 6.27
N THR A 91 -22.86 -4.87 6.77
CA THR A 91 -24.03 -4.64 5.94
C THR A 91 -23.97 -3.25 5.34
N ALA A 92 -24.12 -3.17 4.01
CA ALA A 92 -24.01 -1.91 3.27
C ALA A 92 -24.21 -2.17 1.80
N VAL A 93 -24.43 -1.09 1.04
CA VAL A 93 -24.27 -1.16 -0.39
C VAL A 93 -22.79 -0.97 -0.69
N TYR A 94 -22.22 -1.88 -1.48
CA TYR A 94 -20.82 -1.84 -1.86
C TYR A 94 -20.68 -1.33 -3.28
N TYR A 95 -19.75 -0.39 -3.46
CA TYR A 95 -19.54 0.28 -4.73
C TYR A 95 -18.12 0.11 -5.19
N CYS A 96 -17.96 -0.14 -6.47
CA CYS A 96 -16.67 -0.12 -7.13
C CYS A 96 -16.47 1.26 -7.78
N ALA A 97 -15.22 1.71 -7.82
CA ALA A 97 -14.89 3.05 -8.30
C ALA A 97 -13.54 3.03 -8.99
N ALA A 98 -13.37 3.93 -9.95
CA ALA A 98 -12.15 4.03 -10.74
C ALA A 98 -11.53 5.40 -10.57
N SER A 99 -10.22 5.41 -10.32
CA SER A 99 -9.45 6.65 -10.15
C SER A 99 -8.36 6.72 -11.22
N SER A 100 -8.21 7.90 -11.82
CA SER A 100 -7.16 8.08 -12.82
C SER A 100 -5.81 8.52 -12.23
N ARG A 101 -5.75 8.70 -10.91
CA ARG A 101 -4.53 9.21 -10.27
C ARG A 101 -3.37 8.26 -10.53
N VAL A 102 -2.27 8.81 -11.01
CA VAL A 102 -1.11 8.01 -11.38
C VAL A 102 -0.45 7.41 -10.14
N PHE A 103 -0.10 8.26 -9.18
CA PHE A 103 0.60 7.82 -7.97
C PHE A 103 -0.35 7.66 -6.80
N TYR A 104 0.03 6.76 -5.88
CA TYR A 104 -0.74 6.56 -4.67
C TYR A 104 -0.54 7.72 -3.70
N THR A 105 -1.64 8.23 -3.18
CA THR A 105 -1.62 9.11 -2.02
C THR A 105 -2.87 8.80 -1.18
N GLU A 106 -2.94 9.38 0.00
CA GLU A 106 -4.07 9.15 0.90
C GLU A 106 -5.42 9.55 0.31
N VAL A 107 -5.44 10.39 -0.73
CA VAL A 107 -6.69 10.75 -1.39
C VAL A 107 -7.42 9.53 -1.95
N LEU A 108 -6.68 8.47 -2.23
CA LEU A 108 -7.26 7.20 -2.70
C LEU A 108 -8.07 6.47 -1.65
N GLN A 109 -8.03 6.96 -0.42
CA GLN A 109 -8.88 6.42 0.65
C GLN A 109 -10.11 7.29 0.88
N THR A 110 -10.40 8.17 -0.06
CA THR A 110 -11.55 9.07 0.03
C THR A 110 -12.34 9.05 -1.28
N THR A 111 -13.63 9.36 -1.19
CA THR A 111 -14.48 9.36 -2.38
C THR A 111 -13.97 10.36 -3.42
N THR A 112 -13.40 11.47 -2.92
CA THR A 112 -12.82 12.52 -3.74
C THR A 112 -11.75 12.03 -4.73
N GLY A 113 -11.08 10.94 -4.36
CA GLY A 113 -9.99 10.41 -5.16
C GLY A 113 -10.41 9.72 -6.45
N TYR A 114 -11.71 9.53 -6.65
CA TYR A 114 -12.22 8.68 -7.74
C TYR A 114 -13.02 9.47 -8.78
N ASP A 115 -13.02 8.94 -9.99
CA ASP A 115 -13.66 9.57 -11.14
C ASP A 115 -15.01 8.93 -11.46
N TYR A 116 -15.01 7.59 -11.60
CA TYR A 116 -16.19 6.85 -12.04
C TYR A 116 -16.64 5.85 -10.99
N TRP A 117 -17.94 5.62 -10.93
CA TRP A 117 -18.58 4.79 -9.89
C TRP A 117 -19.57 3.81 -10.49
N GLY A 118 -19.65 2.63 -9.91
CA GLY A 118 -20.76 1.73 -10.19
C GLY A 118 -21.97 2.14 -9.36
N GLN A 119 -23.09 1.47 -9.58
CA GLN A 119 -24.34 1.77 -8.86
C GLN A 119 -24.52 0.96 -7.58
N GLY A 120 -23.68 -0.06 -7.38
CA GLY A 120 -23.63 -0.79 -6.12
C GLY A 120 -24.26 -2.18 -6.09
N THR A 121 -23.80 -2.99 -5.14
CA THR A 121 -24.40 -4.28 -4.85
C THR A 121 -24.69 -4.36 -3.34
N GLN A 122 -25.90 -4.77 -2.98
CA GLN A 122 -26.29 -4.85 -1.57
C GLN A 122 -25.68 -6.08 -0.90
N VAL A 123 -25.05 -5.86 0.24
CA VAL A 123 -24.55 -6.91 1.10
C VAL A 123 -25.30 -6.83 2.42
N THR A 124 -25.91 -7.93 2.81
CA THR A 124 -26.62 -8.00 4.09
C THR A 124 -26.08 -9.14 4.93
N VAL A 125 -25.62 -8.81 6.12
CA VAL A 125 -25.19 -9.80 7.09
C VAL A 125 -26.22 -9.77 8.21
N SER A 126 -26.97 -10.86 8.35
CA SER A 126 -28.06 -10.92 9.32
C SER A 126 -27.55 -10.75 10.75
N SER A 127 -28.40 -10.23 11.63
CA SER A 127 -28.02 -10.04 13.02
C SER A 127 -27.84 -11.38 13.74
N GLN B 3 27.43 -3.64 8.40
CA GLN B 3 26.80 -2.96 9.57
C GLN B 3 26.01 -1.78 9.03
N LEU B 4 24.75 -1.67 9.42
CA LEU B 4 23.88 -0.61 8.90
C LEU B 4 23.32 0.25 10.02
N GLN B 5 23.33 1.56 9.80
CA GLN B 5 22.72 2.50 10.73
C GLN B 5 21.99 3.61 9.99
N GLU B 6 20.70 3.73 10.29
CA GLU B 6 19.85 4.75 9.72
C GLU B 6 19.94 6.06 10.47
N SER B 7 19.64 7.15 9.77
CA SER B 7 19.47 8.45 10.39
C SER B 7 18.60 9.32 9.51
N GLY B 8 18.30 10.53 9.99
CA GLY B 8 17.51 11.49 9.25
C GLY B 8 16.03 11.49 9.57
N GLY B 9 15.59 10.60 10.45
CA GLY B 9 14.22 10.58 10.90
C GLY B 9 13.85 11.82 11.69
N GLY B 10 12.56 11.97 11.95
CA GLY B 10 12.09 13.11 12.71
C GLY B 10 10.59 13.27 12.57
N LEU B 11 10.12 14.43 12.99
CA LEU B 11 8.72 14.77 13.04
C LEU B 11 8.43 15.88 12.02
N VAL B 12 7.52 15.62 11.10
CA VAL B 12 7.09 16.63 10.14
C VAL B 12 5.57 16.71 10.11
N GLN B 13 5.07 17.83 9.60
CA GLN B 13 3.66 18.01 9.32
C GLN B 13 3.32 17.36 7.99
N PRO B 14 2.03 17.03 7.77
CA PRO B 14 1.63 16.54 6.46
C PRO B 14 2.05 17.52 5.36
N GLY B 15 2.56 16.97 4.27
CA GLY B 15 3.07 17.76 3.16
C GLY B 15 4.56 18.03 3.27
N GLY B 16 5.14 17.73 4.44
CA GLY B 16 6.57 17.90 4.65
C GLY B 16 7.41 16.83 4.00
N SER B 17 8.71 16.94 4.19
CA SER B 17 9.67 16.02 3.60
C SER B 17 10.78 15.69 4.58
N LEU B 18 11.43 14.55 4.35
CA LEU B 18 12.60 14.12 5.09
C LEU B 18 13.61 13.54 4.13
N ARG B 19 14.87 13.53 4.54
CA ARG B 19 15.90 12.86 3.78
C ARG B 19 16.60 11.89 4.72
N LEU B 20 16.26 10.61 4.59
CA LEU B 20 16.89 9.58 5.39
C LEU B 20 18.22 9.20 4.77
N SER B 21 19.11 8.72 5.61
CA SER B 21 20.31 8.10 5.12
C SER B 21 20.58 6.79 5.85
N CYS B 22 21.42 5.96 5.25
CA CYS B 22 21.86 4.72 5.84
C CYS B 22 23.35 4.62 5.63
N ALA B 23 24.08 4.46 6.72
CA ALA B 23 25.53 4.30 6.69
C ALA B 23 25.91 2.83 6.80
N ALA B 24 26.71 2.35 5.85
CA ALA B 24 27.19 0.97 5.87
C ALA B 24 28.62 0.87 6.40
N PHE B 29 30.19 -3.41 0.76
CA PHE B 29 28.94 -2.68 0.54
C PHE B 29 28.46 -2.71 -0.90
N SER B 30 29.37 -2.45 -1.84
CA SER B 30 29.06 -2.39 -3.28
C SER B 30 28.56 -3.73 -3.85
N ASN B 31 28.82 -4.82 -3.13
CA ASN B 31 28.35 -6.15 -3.55
C ASN B 31 26.89 -6.41 -3.19
N TYR B 32 26.31 -5.56 -2.36
CA TYR B 32 24.94 -5.77 -1.89
C TYR B 32 23.92 -4.87 -2.59
N ARG B 33 22.81 -5.46 -3.03
CA ARG B 33 21.61 -4.67 -3.28
C ARG B 33 21.14 -4.12 -1.93
N MET B 34 20.49 -2.97 -1.95
CA MET B 34 20.03 -2.37 -0.70
C MET B 34 18.53 -2.12 -0.77
N GLY B 35 17.91 -2.04 0.40
CA GLY B 35 16.49 -1.82 0.49
C GLY B 35 16.13 -0.93 1.67
N TRP B 36 14.96 -0.31 1.54
CA TRP B 36 14.29 0.32 2.65
C TRP B 36 12.98 -0.40 2.89
N PHE B 37 12.69 -0.58 4.17
CA PHE B 37 11.43 -1.12 4.67
C PHE B 37 10.91 -0.18 5.74
N ARG B 38 9.64 -0.31 6.11
CA ARG B 38 9.10 0.46 7.22
C ARG B 38 8.12 -0.40 7.99
N GLN B 39 8.05 -0.17 9.30
CA GLN B 39 7.09 -0.88 10.12
C GLN B 39 6.28 0.11 10.93
N ALA B 40 5.00 0.18 10.60
CA ALA B 40 4.04 1.04 11.28
C ALA B 40 3.34 0.28 12.41
N PRO B 41 2.77 1.02 13.39
CA PRO B 41 2.04 0.35 14.48
C PRO B 41 0.93 -0.55 13.93
N GLY B 42 0.85 -1.77 14.44
CA GLY B 42 -0.20 -2.72 14.07
C GLY B 42 -0.19 -3.18 12.61
N LYS B 43 0.97 -3.09 11.97
CA LYS B 43 1.13 -3.54 10.59
C LYS B 43 2.39 -4.34 10.42
N GLU B 44 2.35 -5.28 9.48
CA GLU B 44 3.53 -6.03 9.11
C GLU B 44 4.57 -5.11 8.48
N ARG B 45 5.84 -5.45 8.67
CA ARG B 45 6.93 -4.76 8.00
C ARG B 45 6.66 -4.70 6.48
N GLU B 46 6.82 -3.49 5.93
CA GLU B 46 6.38 -3.14 4.59
C GLU B 46 7.59 -2.78 3.74
N PHE B 47 7.68 -3.34 2.54
CA PHE B 47 8.67 -2.91 1.56
C PHE B 47 8.45 -1.45 1.16
N VAL B 48 9.54 -0.71 1.02
CA VAL B 48 9.52 0.68 0.58
C VAL B 48 10.24 0.84 -0.76
N ALA B 49 11.49 0.39 -0.85
CA ALA B 49 12.27 0.56 -2.07
C ALA B 49 13.48 -0.36 -2.10
N THR B 50 13.96 -0.66 -3.30
CA THR B 50 15.18 -1.44 -3.49
C THR B 50 16.04 -0.76 -4.54
N ILE B 51 17.35 -1.02 -4.48
CA ILE B 51 18.31 -0.44 -5.39
C ILE B 51 19.37 -1.46 -5.73
N SER B 52 19.79 -1.45 -6.99
CA SER B 52 20.82 -2.34 -7.47
C SER B 52 22.18 -2.00 -6.87
N GLN B 53 23.10 -2.94 -7.00
CA GLN B 53 24.47 -2.77 -6.51
C GLN B 53 25.09 -1.49 -7.06
N SER B 54 24.93 -1.24 -8.36
CA SER B 54 25.56 -0.08 -9.00
C SER B 54 24.86 1.22 -8.65
N GLY B 55 23.62 1.13 -8.16
CA GLY B 55 22.80 2.29 -7.84
C GLY B 55 21.98 2.86 -8.99
N ALA B 56 22.08 2.24 -10.17
CA ALA B 56 21.45 2.77 -11.37
C ALA B 56 19.98 2.37 -11.52
N ALA B 57 19.55 1.35 -10.78
CA ALA B 57 18.21 0.82 -10.95
C ALA B 57 17.50 0.68 -9.63
N THR B 58 16.25 1.14 -9.59
CA THR B 58 15.45 1.13 -8.40
C THR B 58 14.08 0.51 -8.67
N ALA B 59 13.44 0.06 -7.59
CA ALA B 59 12.02 -0.29 -7.63
C ALA B 59 11.41 0.18 -6.33
N TYR B 60 10.18 0.68 -6.42
CA TYR B 60 9.48 1.30 -5.29
C TYR B 60 8.17 0.58 -5.04
N ALA B 61 7.81 0.49 -3.77
CA ALA B 61 6.47 0.08 -3.39
C ALA B 61 5.48 1.09 -3.98
N ASP B 62 4.33 0.60 -4.42
CA ASP B 62 3.30 1.48 -4.96
C ASP B 62 2.91 2.58 -3.96
N SER B 63 2.94 2.25 -2.68
CA SER B 63 2.56 3.19 -1.62
C SER B 63 3.42 4.44 -1.54
N VAL B 64 4.62 4.41 -2.14
CA VAL B 64 5.54 5.54 -2.09
C VAL B 64 6.04 6.00 -3.45
N LYS B 65 5.78 5.21 -4.49
CA LYS B 65 6.29 5.53 -5.82
C LYS B 65 5.73 6.89 -6.26
N GLY B 66 6.61 7.72 -6.81
CA GLY B 66 6.24 9.07 -7.21
C GLY B 66 6.56 10.12 -6.17
N ARG B 67 6.77 9.70 -4.92
CA ARG B 67 7.12 10.61 -3.82
C ARG B 67 8.51 10.40 -3.24
N PHE B 68 9.00 9.16 -3.30
CA PHE B 68 10.29 8.82 -2.71
C PHE B 68 11.34 8.58 -3.78
N THR B 69 12.59 8.90 -3.46
CA THR B 69 13.73 8.66 -4.35
C THR B 69 14.87 8.04 -3.57
N PHE B 70 15.29 6.85 -4.00
CA PHE B 70 16.33 6.06 -3.35
C PHE B 70 17.59 6.17 -4.19
N SER B 71 18.69 6.58 -3.57
CA SER B 71 19.97 6.63 -4.25
C SER B 71 21.07 6.06 -3.35
N ARG B 72 22.21 5.73 -3.95
CA ARG B 72 23.37 5.29 -3.18
C ARG B 72 24.64 5.95 -3.69
N ASP B 73 25.63 6.01 -2.81
CA ASP B 73 26.96 6.48 -3.15
C ASP B 73 27.93 5.43 -2.64
N ASN B 74 28.38 4.56 -3.55
CA ASN B 74 29.22 3.45 -3.16
C ASN B 74 30.57 3.87 -2.58
N ALA B 75 31.16 4.92 -3.12
CA ALA B 75 32.45 5.42 -2.63
C ALA B 75 32.37 5.87 -1.16
N LYS B 76 31.19 6.31 -0.74
CA LYS B 76 30.95 6.86 0.59
C LYS B 76 30.26 5.87 1.53
N ASN B 77 29.92 4.67 1.03
CA ASN B 77 29.18 3.68 1.81
C ASN B 77 27.90 4.27 2.39
N LEU B 78 27.20 5.04 1.56
CA LEU B 78 25.97 5.71 1.99
C LEU B 78 24.79 5.44 1.06
N LEU B 79 23.61 5.38 1.66
CA LEU B 79 22.33 5.38 0.97
C LEU B 79 21.54 6.60 1.37
N TYR B 80 20.68 7.06 0.46
CA TYR B 80 19.79 8.19 0.73
C TYR B 80 18.36 7.86 0.31
N LEU B 81 17.40 8.28 1.11
CA LEU B 81 15.99 8.19 0.74
C LEU B 81 15.32 9.55 0.92
N GLU B 82 15.05 10.22 -0.20
CA GLU B 82 14.29 11.47 -0.21
C GLU B 82 12.82 11.12 -0.12
N MET B 83 12.10 11.70 0.84
CA MET B 83 10.71 11.38 1.10
C MET B 83 9.90 12.68 1.02
N LEU B 84 9.15 12.84 -0.07
CA LEU B 84 8.38 14.06 -0.30
C LEU B 84 6.91 13.87 -0.03
N SER B 85 6.22 14.98 0.20
CA SER B 85 4.76 15.00 0.31
C SER B 85 4.25 13.96 1.31
N LEU B 86 4.83 14.00 2.51
CA LEU B 86 4.54 13.00 3.51
C LEU B 86 3.14 13.15 4.09
N GLU B 87 2.55 12.01 4.46
CA GLU B 87 1.22 11.98 5.02
C GLU B 87 1.22 11.13 6.29
N PRO B 88 0.20 11.30 7.14
CA PRO B 88 0.18 10.58 8.42
C PRO B 88 0.47 9.08 8.30
N GLU B 89 -0.03 8.42 7.27
CA GLU B 89 0.17 6.97 7.09
C GLU B 89 1.62 6.59 6.75
N ASP B 90 2.49 7.58 6.49
CA ASP B 90 3.92 7.31 6.30
C ASP B 90 4.68 7.18 7.62
N THR B 91 3.99 7.41 8.74
CA THR B 91 4.58 7.25 10.07
C THR B 91 4.97 5.79 10.29
N ALA B 92 6.23 5.57 10.67
CA ALA B 92 6.77 4.23 10.85
C ALA B 92 8.22 4.31 11.28
N VAL B 93 8.75 3.20 11.77
CA VAL B 93 10.19 3.03 11.85
C VAL B 93 10.67 2.58 10.47
N TYR B 94 11.66 3.29 9.94
CA TYR B 94 12.24 2.98 8.63
C TYR B 94 13.57 2.27 8.82
N TYR B 95 13.74 1.18 8.08
CA TYR B 95 14.90 0.30 8.18
C TYR B 95 15.60 0.18 6.86
N CYS B 96 16.92 0.25 6.89
CA CYS B 96 17.74 -0.08 5.76
C CYS B 96 18.19 -1.55 5.86
N ALA B 97 18.35 -2.19 4.71
CA ALA B 97 18.65 -3.63 4.64
C ALA B 97 19.54 -3.91 3.45
N ALA B 98 20.36 -4.94 3.58
CA ALA B 98 21.31 -5.34 2.55
C ALA B 98 21.02 -6.76 2.08
N SER B 99 20.99 -6.94 0.75
CA SER B 99 20.73 -8.23 0.11
C SER B 99 21.91 -8.63 -0.75
N SER B 100 22.32 -9.89 -0.65
CA SER B 100 23.43 -10.36 -1.46
C SER B 100 23.00 -10.93 -2.81
N ARG B 101 21.69 -10.95 -3.07
CA ARG B 101 21.18 -11.53 -4.31
C ARG B 101 21.77 -10.82 -5.52
N VAL B 102 22.31 -11.60 -6.45
CA VAL B 102 23.00 -11.02 -7.60
C VAL B 102 22.00 -10.38 -8.58
N PHE B 103 21.03 -11.17 -9.03
CA PHE B 103 20.01 -10.69 -9.97
C PHE B 103 18.76 -10.22 -9.28
N TYR B 104 18.07 -9.27 -9.92
CA TYR B 104 16.79 -8.79 -9.42
C TYR B 104 15.69 -9.82 -9.63
N THR B 105 14.93 -10.08 -8.57
CA THR B 105 13.65 -10.79 -8.66
C THR B 105 12.70 -10.17 -7.64
N GLU B 106 11.44 -10.58 -7.69
CA GLU B 106 10.41 -10.06 -6.79
C GLU B 106 10.73 -10.31 -5.30
N VAL B 107 11.62 -11.25 -5.00
CA VAL B 107 11.97 -11.51 -3.61
C VAL B 107 12.62 -10.28 -2.95
N LEU B 108 13.18 -9.40 -3.77
CA LEU B 108 13.75 -8.13 -3.29
C LEU B 108 12.71 -7.15 -2.77
N GLN B 109 11.42 -7.47 -2.97
CA GLN B 109 10.35 -6.66 -2.39
C GLN B 109 9.79 -7.28 -1.11
N THR B 110 10.53 -8.23 -0.54
CA THR B 110 10.12 -8.91 0.68
C THR B 110 11.25 -8.93 1.69
N THR B 111 10.92 -9.03 2.97
CA THR B 111 11.95 -9.06 4.00
C THR B 111 12.88 -10.26 3.82
N THR B 112 12.33 -11.37 3.31
CA THR B 112 13.10 -12.60 3.08
C THR B 112 14.26 -12.42 2.10
N GLY B 113 14.16 -11.42 1.23
CA GLY B 113 15.20 -11.16 0.24
C GLY B 113 16.49 -10.59 0.80
N TYR B 114 16.50 -10.23 2.09
CA TYR B 114 17.61 -9.47 2.68
C TYR B 114 18.37 -10.26 3.74
N ASP B 115 19.65 -9.91 3.89
CA ASP B 115 20.57 -10.59 4.81
C ASP B 115 20.77 -9.77 6.09
N TYR B 116 21.12 -8.50 5.94
CA TYR B 116 21.48 -7.64 7.07
C TYR B 116 20.56 -6.45 7.19
N TRP B 117 20.32 -6.00 8.42
CA TRP B 117 19.35 -4.95 8.75
C TRP B 117 19.93 -3.91 9.69
N GLY B 118 19.51 -2.66 9.53
CA GLY B 118 19.76 -1.64 10.54
C GLY B 118 18.71 -1.75 11.62
N GLN B 119 18.87 -0.94 12.67
CA GLN B 119 17.96 -0.94 13.82
C GLN B 119 16.80 0.05 13.66
N GLY B 120 16.89 0.94 12.67
CA GLY B 120 15.77 1.80 12.29
C GLY B 120 15.87 3.25 12.71
N THR B 121 15.13 4.10 12.00
CA THR B 121 14.97 5.51 12.36
C THR B 121 13.48 5.85 12.35
N GLN B 122 13.02 6.51 13.41
CA GLN B 122 11.60 6.84 13.53
C GLN B 122 11.22 8.04 12.66
N VAL B 123 10.19 7.85 11.86
CA VAL B 123 9.58 8.92 11.09
C VAL B 123 8.16 9.11 11.62
N THR B 124 7.85 10.34 12.02
CA THR B 124 6.52 10.67 12.48
C THR B 124 5.96 11.83 11.67
N VAL B 125 4.82 11.59 11.05
CA VAL B 125 4.10 12.62 10.32
C VAL B 125 2.85 12.92 11.14
N SER B 126 2.77 14.13 11.69
CA SER B 126 1.65 14.49 12.56
C SER B 126 0.31 14.43 11.82
N SER B 127 -0.77 14.16 12.55
CA SER B 127 -2.09 14.11 11.94
C SER B 127 -2.54 15.49 11.47
#